data_4ONM
#
_entry.id   4ONM
#
_cell.length_a   44.538
_cell.length_b   74.855
_cell.length_c   91.325
_cell.angle_alpha   90.000
_cell.angle_beta   90.000
_cell.angle_gamma   90.000
#
_symmetry.space_group_name_H-M   'P 21 21 21'
#
loop_
_entity.id
_entity.type
_entity.pdbx_description
1 polymer 'Ubiquitin-conjugating enzyme E2 variant 2'
2 polymer 'Ubiquitin-conjugating enzyme E2 N'
3 non-polymer GLYCEROL
4 non-polymer 2-[(4-methylphenyl)sulfonyl]-5-nitrofuran
5 water water
#
loop_
_entity_poly.entity_id
_entity_poly.type
_entity_poly.pdbx_seq_one_letter_code
_entity_poly.pdbx_strand_id
1 'polypeptide(L)'
;GPLGSPEFMAVSTGVKVPRNFRLLEELEEGQKGVGDGTVSWGLEDDEDMTLTRWTGMIIGPPRTNYENRIYSLKVECGPK
YPEAPPSVRFVTKINMNGINNSSGMVDARSIPVLAKWQNSYSIKVVLQELRRLMMSKENMKLPQPPEGQTYNN
;
A
2 'polypeptide(L)'
;GPLGSPEFMAGLPRRIIKETQRLLAEPVPGIKAEPDESNARYFHVVIAGPQDSPFEGGTFKLELFLPEEYPMAAPKVRFM
TKIYHPNVDKLGRICLDILKDKWSPALQIRTVLLSIQALLSAPNPDDPLANDVAEQWKTNEAQAIETARAWTRLYAMNNI
;
B
#
# COMPACT_ATOMS: atom_id res chain seq x y z
N GLY A 14 14.84 -3.70 -16.41
CA GLY A 14 14.45 -2.49 -15.72
C GLY A 14 12.99 -2.50 -15.36
N VAL A 15 12.56 -3.61 -14.76
CA VAL A 15 11.17 -3.80 -14.36
C VAL A 15 10.79 -2.93 -13.17
N LYS A 16 9.82 -2.04 -13.37
CA LYS A 16 9.42 -1.14 -12.29
C LYS A 16 8.22 -1.71 -11.57
N VAL A 17 8.28 -1.69 -10.25
CA VAL A 17 7.15 -2.09 -9.45
C VAL A 17 6.27 -0.86 -9.28
N PRO A 18 4.99 -0.97 -9.66
CA PRO A 18 4.08 0.16 -9.56
C PRO A 18 3.94 0.69 -8.13
N ARG A 19 3.68 2.00 -8.01
CA ARG A 19 3.48 2.66 -6.71
C ARG A 19 2.72 1.80 -5.71
N ASN A 20 1.55 1.32 -6.11
CA ASN A 20 0.70 0.69 -5.11
C ASN A 20 1.29 -0.61 -4.57
N PHE A 21 1.93 -1.37 -5.45
CA PHE A 21 2.57 -2.59 -5.01
C PHE A 21 3.86 -2.33 -4.21
N ARG A 22 4.58 -1.26 -4.57
CA ARG A 22 5.73 -0.86 -3.74
C ARG A 22 5.26 -0.53 -2.31
N LEU A 23 4.18 0.24 -2.22
CA LEU A 23 3.72 0.65 -0.89
C LEU A 23 3.19 -0.52 -0.09
N LEU A 24 2.61 -1.51 -0.76
CA LEU A 24 2.23 -2.73 -0.06
C LEU A 24 3.45 -3.42 0.53
N GLU A 25 4.56 -3.45 -0.20
CA GLU A 25 5.81 -4.01 0.30
C GLU A 25 6.26 -3.21 1.54
N GLU A 26 6.21 -1.88 1.46
CA GLU A 26 6.64 -1.05 2.59
C GLU A 26 5.74 -1.23 3.80
N LEU A 27 4.45 -1.50 3.56
CA LEU A 27 3.52 -1.78 4.66
C LEU A 27 3.94 -3.05 5.39
N GLU A 28 4.19 -4.11 4.63
CA GLU A 28 4.65 -5.38 5.24
C GLU A 28 5.97 -5.20 5.99
N GLU A 29 6.91 -4.46 5.41
CA GLU A 29 8.20 -4.27 6.07
C GLU A 29 8.03 -3.48 7.36
N GLY A 30 7.17 -2.47 7.31
CA GLY A 30 6.93 -1.65 8.49
C GLY A 30 6.34 -2.47 9.62
N GLN A 31 5.48 -3.44 9.28
CA GLN A 31 4.91 -4.28 10.32
C GLN A 31 5.92 -5.25 10.90
N LYS A 32 6.81 -5.75 10.05
CA LYS A 32 7.89 -6.64 10.52
C LYS A 32 8.95 -5.91 11.33
N GLY A 33 9.15 -4.62 11.03
CA GLY A 33 10.16 -3.79 11.67
C GLY A 33 11.55 -4.05 11.12
N VAL A 34 12.47 -3.09 11.29
CA VAL A 34 13.83 -3.32 10.80
C VAL A 34 14.84 -2.95 11.84
N GLY A 35 16.00 -3.60 11.80
CA GLY A 35 17.12 -3.19 12.61
C GLY A 35 16.77 -3.17 14.09
N ASP A 36 17.20 -2.11 14.75
CA ASP A 36 17.03 -2.02 16.20
C ASP A 36 15.74 -1.30 16.60
N GLY A 37 14.84 -1.07 15.64
CA GLY A 37 13.56 -0.48 15.97
C GLY A 37 13.61 1.01 16.27
N THR A 38 14.72 1.67 15.97
CA THR A 38 14.82 3.11 16.24
C THR A 38 14.12 4.00 15.20
N VAL A 39 13.73 3.42 14.07
CA VAL A 39 12.76 4.05 13.20
C VAL A 39 11.64 3.06 12.94
N SER A 40 10.44 3.57 12.70
N SER A 40 10.42 3.56 12.81
CA SER A 40 9.30 2.72 12.40
CA SER A 40 9.27 2.73 12.43
C SER A 40 8.33 3.54 11.58
C SER A 40 8.33 3.55 11.57
N TRP A 41 7.49 2.85 10.82
CA TRP A 41 6.53 3.54 9.96
C TRP A 41 5.32 2.64 9.80
N GLY A 42 4.18 3.27 9.52
CA GLY A 42 2.94 2.58 9.27
C GLY A 42 1.92 3.50 8.67
N LEU A 43 0.79 2.94 8.22
CA LEU A 43 -0.22 3.77 7.60
C LEU A 43 -0.93 4.60 8.65
N GLU A 44 -1.20 5.85 8.31
CA GLU A 44 -1.90 6.73 9.22
C GLU A 44 -3.37 6.34 9.38
N ASP A 45 -3.97 5.87 8.29
CA ASP A 45 -5.38 5.51 8.25
C ASP A 45 -5.47 4.10 7.71
N ASP A 46 -5.89 3.15 8.55
CA ASP A 46 -5.87 1.76 8.13
C ASP A 46 -6.97 1.40 7.12
N GLU A 47 -7.75 2.39 6.71
CA GLU A 47 -8.71 2.19 5.62
C GLU A 47 -8.32 2.94 4.37
N ASP A 48 -7.14 3.54 4.36
CA ASP A 48 -6.70 4.30 3.20
C ASP A 48 -6.18 3.41 2.09
N MET A 49 -7.07 2.98 1.20
CA MET A 49 -6.67 2.09 0.11
C MET A 49 -5.64 2.73 -0.81
N THR A 50 -5.53 4.05 -0.80
CA THR A 50 -4.53 4.69 -1.65
C THR A 50 -3.13 4.64 -1.06
N LEU A 51 -2.99 4.23 0.20
CA LEU A 51 -1.67 4.05 0.84
C LEU A 51 -0.87 5.34 0.77
N THR A 52 -1.52 6.49 0.94
CA THR A 52 -0.85 7.77 0.74
C THR A 52 -0.21 8.34 2.01
N ARG A 53 -0.93 8.32 3.12
CA ARG A 53 -0.50 9.01 4.33
CA ARG A 53 -0.50 9.00 4.34
C ARG A 53 0.07 8.04 5.35
N TRP A 54 1.33 8.28 5.72
CA TRP A 54 2.02 7.38 6.66
C TRP A 54 2.42 8.15 7.92
N THR A 55 2.53 7.42 9.00
CA THR A 55 3.15 7.91 10.22
C THR A 55 4.56 7.39 10.30
N GLY A 56 5.50 8.30 10.52
CA GLY A 56 6.87 7.90 10.79
C GLY A 56 7.23 8.13 12.25
N MET A 57 8.17 7.34 12.76
CA MET A 57 8.69 7.49 14.11
C MET A 57 10.19 7.40 14.09
N ILE A 58 10.87 8.36 14.75
CA ILE A 58 12.32 8.28 14.95
C ILE A 58 12.60 8.46 16.42
N ILE A 59 13.39 7.54 16.99
CA ILE A 59 13.88 7.72 18.34
C ILE A 59 15.13 8.59 18.29
N GLY A 60 15.14 9.75 18.96
CA GLY A 60 16.32 10.61 18.94
C GLY A 60 17.56 9.84 19.34
N PRO A 61 18.67 10.05 18.62
CA PRO A 61 19.88 9.25 18.94
C PRO A 61 20.56 9.71 20.25
N PRO A 62 21.24 8.77 20.89
CA PRO A 62 21.92 9.05 22.17
C PRO A 62 23.04 10.04 21.98
N ARG A 63 23.34 10.75 23.06
CA ARG A 63 24.44 11.70 23.08
C ARG A 63 24.25 12.84 22.07
N THR A 64 22.99 13.18 21.81
CA THR A 64 22.61 14.40 21.08
C THR A 64 21.50 15.08 21.87
N ASN A 65 21.15 16.30 21.51
CA ASN A 65 20.05 16.98 22.22
C ASN A 65 18.68 16.41 21.84
N TYR A 66 18.63 15.45 20.92
CA TYR A 66 17.39 14.76 20.56
C TYR A 66 17.20 13.49 21.38
N GLU A 67 18.16 13.16 22.24
CA GLU A 67 18.13 11.84 22.88
C GLU A 67 16.90 11.66 23.81
N ASN A 68 16.41 10.45 23.85
CA ASN A 68 15.32 10.08 24.79
C ASN A 68 14.04 10.79 24.38
N ARG A 69 13.93 11.19 23.10
CA ARG A 69 12.67 11.73 22.60
C ARG A 69 12.15 10.91 21.45
N ILE A 70 10.83 10.68 21.44
CA ILE A 70 10.18 10.03 20.29
C ILE A 70 9.65 11.11 19.36
N TYR A 71 10.13 11.12 18.12
CA TYR A 71 9.64 12.05 17.12
C TYR A 71 8.62 11.37 16.23
N SER A 72 7.44 12.00 16.07
CA SER A 72 6.42 11.55 15.13
C SER A 72 6.51 12.44 13.91
N LEU A 73 6.30 11.82 12.75
CA LEU A 73 6.34 12.51 11.46
C LEU A 73 5.14 12.09 10.63
N LYS A 74 4.78 12.94 9.68
CA LYS A 74 3.82 12.60 8.63
C LYS A 74 4.59 12.48 7.34
N VAL A 75 4.38 11.36 6.64
CA VAL A 75 5.04 11.10 5.39
C VAL A 75 3.95 10.87 4.33
N GLU A 76 3.99 11.65 3.26
CA GLU A 76 2.97 11.52 2.20
C GLU A 76 3.63 11.01 0.92
N CYS A 77 3.11 9.88 0.44
CA CYS A 77 3.60 9.26 -0.77
C CYS A 77 2.62 9.61 -1.86
N GLY A 78 2.99 10.57 -2.71
CA GLY A 78 2.06 11.08 -3.72
C GLY A 78 2.00 10.15 -4.94
N PRO A 79 1.35 10.62 -6.00
CA PRO A 79 1.05 9.76 -7.16
C PRO A 79 2.30 9.32 -7.91
N LYS A 80 3.40 10.05 -7.77
CA LYS A 80 4.62 9.72 -8.49
C LYS A 80 5.61 8.95 -7.61
N TYR A 81 5.26 8.68 -6.37
CA TYR A 81 6.15 7.87 -5.52
C TYR A 81 6.19 6.41 -6.06
N PRO A 82 7.36 5.73 -6.04
CA PRO A 82 8.69 6.15 -5.55
C PRO A 82 9.60 6.73 -6.66
N GLU A 83 9.07 7.08 -7.83
CA GLU A 83 9.89 7.81 -8.78
C GLU A 83 10.28 9.19 -8.22
N ALA A 84 9.36 9.77 -7.48
CA ALA A 84 9.56 11.04 -6.77
C ALA A 84 9.60 10.77 -5.27
N PRO A 85 10.31 11.64 -4.52
CA PRO A 85 10.38 11.43 -3.06
C PRO A 85 9.00 11.68 -2.40
N PRO A 86 8.80 11.13 -1.21
CA PRO A 86 7.62 11.53 -0.42
C PRO A 86 7.81 12.92 0.19
N SER A 87 6.71 13.55 0.57
CA SER A 87 6.75 14.79 1.36
C SER A 87 6.80 14.40 2.85
N VAL A 88 7.58 15.14 3.63
CA VAL A 88 7.77 14.78 5.01
C VAL A 88 7.62 16.01 5.89
N ARG A 89 6.97 15.83 7.04
CA ARG A 89 6.94 16.90 8.02
C ARG A 89 6.99 16.29 9.42
N PHE A 90 7.74 16.93 10.31
CA PHE A 90 7.69 16.58 11.72
C PHE A 90 6.40 17.09 12.33
N VAL A 91 5.78 16.24 13.13
CA VAL A 91 4.68 16.63 14.00
C VAL A 91 5.24 17.08 15.35
N THR A 92 6.14 16.28 15.91
CA THR A 92 6.90 16.66 17.12
C THR A 92 7.84 17.82 16.80
N LYS A 93 7.82 18.85 17.66
CA LYS A 93 8.70 20.00 17.38
C LYS A 93 10.16 19.66 17.46
N ILE A 94 10.93 20.21 16.54
CA ILE A 94 12.35 19.90 16.50
C ILE A 94 13.10 21.10 15.97
N ASN A 95 14.32 21.33 16.46
CA ASN A 95 15.22 22.34 15.85
C ASN A 95 16.28 21.50 15.16
N MET A 96 16.28 21.57 13.82
CA MET A 96 17.18 20.73 13.03
C MET A 96 17.36 21.39 11.69
N ASN A 97 18.59 21.50 11.21
CA ASN A 97 18.82 22.08 9.88
C ASN A 97 18.00 21.29 8.85
N GLY A 98 17.34 22.04 7.96
CA GLY A 98 16.51 21.44 6.91
C GLY A 98 15.05 21.26 7.28
N ILE A 99 14.71 21.49 8.54
CA ILE A 99 13.34 21.38 9.01
C ILE A 99 12.87 22.79 9.33
N ASN A 100 11.76 23.21 8.73
CA ASN A 100 11.24 24.51 9.05
C ASN A 100 10.83 24.58 10.52
N ASN A 101 11.44 25.48 11.30
CA ASN A 101 11.26 25.42 12.77
C ASN A 101 9.92 25.99 13.23
N SER A 102 9.15 26.52 12.29
CA SER A 102 7.81 27.01 12.61
C SER A 102 6.70 26.02 12.20
N SER A 103 6.93 25.22 11.17
CA SER A 103 5.88 24.35 10.62
C SER A 103 6.22 22.86 10.69
N GLY A 104 7.49 22.52 10.89
CA GLY A 104 7.93 21.14 10.85
C GLY A 104 8.18 20.56 9.47
N MET A 105 7.96 21.34 8.42
N MET A 105 7.91 21.33 8.42
CA MET A 105 8.12 20.82 7.06
CA MET A 105 8.11 20.81 7.07
C MET A 105 9.58 20.55 6.75
C MET A 105 9.58 20.51 6.82
N VAL A 106 9.85 19.37 6.18
CA VAL A 106 11.20 18.99 5.79
C VAL A 106 11.45 19.53 4.40
N ASP A 107 12.45 20.40 4.27
N ASP A 107 12.46 20.39 4.26
CA ASP A 107 12.82 20.98 2.98
CA ASP A 107 12.78 21.00 2.97
C ASP A 107 13.61 19.97 2.17
C ASP A 107 13.62 20.02 2.14
N ALA A 108 13.03 19.51 1.06
CA ALA A 108 13.71 18.48 0.27
C ALA A 108 15.11 18.91 -0.17
N ARG A 109 15.26 20.17 -0.57
CA ARG A 109 16.56 20.63 -1.05
C ARG A 109 17.62 20.54 0.03
N SER A 110 17.22 20.52 1.31
CA SER A 110 18.20 20.55 2.39
C SER A 110 18.55 19.19 2.97
N ILE A 111 17.81 18.15 2.59
CA ILE A 111 18.08 16.82 3.11
C ILE A 111 18.53 15.96 1.94
N PRO A 112 19.80 15.52 1.94
CA PRO A 112 20.39 14.86 0.75
C PRO A 112 19.56 13.68 0.20
N VAL A 113 18.98 12.83 1.05
CA VAL A 113 18.26 11.68 0.54
C VAL A 113 17.07 12.13 -0.31
N LEU A 114 16.47 13.27 0.06
CA LEU A 114 15.35 13.82 -0.71
C LEU A 114 15.87 14.58 -1.96
N ALA A 115 16.85 15.47 -1.76
CA ALA A 115 17.38 16.30 -2.84
C ALA A 115 17.93 15.44 -3.97
N LYS A 116 18.52 14.30 -3.60
CA LYS A 116 19.15 13.35 -4.53
C LYS A 116 18.35 12.06 -4.58
N TRP A 117 17.03 12.16 -4.49
CA TRP A 117 16.20 10.98 -4.41
C TRP A 117 16.46 10.01 -5.56
N GLN A 118 16.46 8.72 -5.23
CA GLN A 118 16.50 7.64 -6.21
C GLN A 118 15.31 6.73 -5.96
N ASN A 119 14.83 6.08 -7.02
CA ASN A 119 13.65 5.24 -6.89
C ASN A 119 13.84 3.96 -6.09
N SER A 120 15.07 3.69 -5.69
CA SER A 120 15.39 2.57 -4.83
C SER A 120 15.15 2.93 -3.36
N TYR A 121 14.98 4.22 -3.04
CA TYR A 121 14.77 4.63 -1.66
C TYR A 121 13.34 4.35 -1.23
N SER A 122 13.04 4.58 0.03
CA SER A 122 11.81 4.16 0.65
C SER A 122 11.58 5.00 1.87
N ILE A 123 10.41 4.83 2.50
CA ILE A 123 10.12 5.56 3.74
C ILE A 123 11.19 5.24 4.80
N LYS A 124 11.51 3.95 4.94
CA LYS A 124 12.53 3.51 5.89
C LYS A 124 13.83 4.31 5.67
N VAL A 125 14.27 4.42 4.41
CA VAL A 125 15.52 5.11 4.11
C VAL A 125 15.45 6.57 4.53
N VAL A 126 14.31 7.21 4.24
CA VAL A 126 14.17 8.61 4.61
C VAL A 126 14.30 8.80 6.13
N LEU A 127 13.60 7.95 6.88
CA LEU A 127 13.60 8.09 8.35
C LEU A 127 15.01 7.78 8.89
N GLN A 128 15.68 6.76 8.34
CA GLN A 128 17.04 6.44 8.79
C GLN A 128 18.00 7.60 8.49
N GLU A 129 17.80 8.27 7.36
CA GLU A 129 18.63 9.41 7.02
C GLU A 129 18.39 10.54 8.01
N LEU A 130 17.11 10.86 8.29
CA LEU A 130 16.86 11.92 9.24
C LEU A 130 17.47 11.62 10.59
N ARG A 131 17.38 10.36 11.04
CA ARG A 131 17.99 10.00 12.33
C ARG A 131 19.53 10.14 12.27
N ARG A 132 20.15 9.76 11.15
CA ARG A 132 21.59 9.92 11.01
C ARG A 132 21.94 11.42 11.08
N LEU A 133 21.15 12.25 10.41
CA LEU A 133 21.46 13.68 10.40
C LEU A 133 21.29 14.34 11.78
N MET A 134 20.47 13.74 12.65
CA MET A 134 20.36 14.23 14.03
C MET A 134 21.70 14.10 14.77
N MET A 135 22.55 13.21 14.28
CA MET A 135 23.90 13.03 14.88
C MET A 135 24.95 13.96 14.30
N SER A 136 24.60 14.72 13.28
N SER A 136 24.58 14.74 13.29
CA SER A 136 25.60 15.57 12.63
CA SER A 136 25.55 15.62 12.64
C SER A 136 26.02 16.74 13.52
C SER A 136 26.05 16.70 13.60
N LYS A 137 27.26 17.17 13.37
CA LYS A 137 27.82 18.21 14.21
C LYS A 137 26.94 19.44 14.25
N GLU A 138 26.32 19.79 13.12
CA GLU A 138 25.54 21.02 13.05
C GLU A 138 24.15 20.91 13.64
N ASN A 139 23.72 19.69 14.00
CA ASN A 139 22.41 19.49 14.61
C ASN A 139 22.44 19.04 16.07
N MET A 140 23.41 18.19 16.43
CA MET A 140 23.34 17.49 17.70
C MET A 140 23.37 18.39 18.93
N LYS A 141 23.89 19.61 18.80
CA LYS A 141 23.95 20.55 19.92
C LYS A 141 22.89 21.63 19.86
N LEU A 142 22.01 21.61 18.84
CA LEU A 142 20.99 22.67 18.81
C LEU A 142 20.08 22.54 20.04
N PRO A 143 19.80 23.65 20.76
N PRO A 143 19.87 23.64 20.76
CA PRO A 143 18.84 23.60 21.86
CA PRO A 143 18.87 23.59 21.84
C PRO A 143 17.42 23.39 21.33
C PRO A 143 17.51 23.25 21.23
N GLN A 144 16.72 22.47 21.96
CA GLN A 144 15.45 22.00 21.45
C GLN A 144 14.27 22.69 22.11
N PRO A 145 13.11 22.66 21.43
CA PRO A 145 11.87 23.07 22.11
C PRO A 145 11.53 22.07 23.23
N PRO A 146 10.61 22.43 24.11
CA PRO A 146 10.18 21.52 25.19
C PRO A 146 9.69 20.18 24.69
N GLU A 147 9.97 19.11 25.44
CA GLU A 147 9.57 17.76 25.02
C GLU A 147 8.09 17.68 24.89
N GLY A 148 7.67 16.99 23.85
CA GLY A 148 6.27 16.68 23.65
C GLY A 148 5.49 17.70 22.87
N GLN A 149 6.03 18.92 22.68
CA GLN A 149 5.30 19.91 21.91
C GLN A 149 5.19 19.50 20.46
N THR A 150 4.06 19.86 19.84
CA THR A 150 3.84 19.57 18.45
C THR A 150 3.45 20.85 17.71
N TYR A 151 3.68 20.86 16.40
CA TYR A 151 3.26 21.98 15.55
C TYR A 151 1.74 21.98 15.35
N ASN A 152 1.18 23.11 14.95
CA ASN A 152 -0.24 23.16 14.57
C ASN A 152 -0.50 22.55 13.19
N ASN A 153 -1.77 22.31 12.87
CA ASN A 153 -2.20 21.71 11.59
C ASN A 153 -2.14 20.18 11.54
N ALA B 10 14.71 -7.73 -26.39
CA ALA B 10 14.81 -6.52 -25.58
C ALA B 10 13.54 -6.35 -24.75
N GLY B 11 12.55 -7.16 -25.10
CA GLY B 11 11.22 -6.95 -24.59
C GLY B 11 10.71 -8.00 -23.64
N LEU B 12 9.40 -8.07 -23.56
CA LEU B 12 8.74 -8.97 -22.65
C LEU B 12 8.87 -10.40 -23.13
N PRO B 13 8.79 -11.36 -22.21
CA PRO B 13 8.70 -12.76 -22.61
C PRO B 13 7.47 -12.98 -23.49
N ARG B 14 7.57 -13.94 -24.41
CA ARG B 14 6.45 -14.32 -25.27
C ARG B 14 5.18 -14.59 -24.48
N ARG B 15 5.34 -15.29 -23.37
CA ARG B 15 4.19 -15.63 -22.54
C ARG B 15 3.41 -14.39 -22.17
N ILE B 16 4.11 -13.33 -21.79
CA ILE B 16 3.41 -12.12 -21.36
C ILE B 16 2.82 -11.40 -22.54
N ILE B 17 3.54 -11.36 -23.66
CA ILE B 17 2.95 -10.78 -24.86
C ILE B 17 1.66 -11.52 -25.21
N LYS B 18 1.73 -12.85 -25.20
CA LYS B 18 0.59 -13.70 -25.46
C LYS B 18 -0.61 -13.50 -24.51
N GLU B 19 -0.35 -13.56 -23.21
CA GLU B 19 -1.44 -13.46 -22.22
C GLU B 19 -2.14 -12.12 -22.34
N THR B 20 -1.36 -11.05 -22.51
CA THR B 20 -1.91 -9.71 -22.71
C THR B 20 -2.80 -9.63 -23.93
N GLN B 21 -2.26 -10.06 -25.07
CA GLN B 21 -2.99 -9.95 -26.32
C GLN B 21 -4.27 -10.79 -26.28
N ARG B 22 -4.19 -11.95 -25.64
CA ARG B 22 -5.36 -12.84 -25.55
C ARG B 22 -6.41 -12.31 -24.61
N LEU B 23 -6.00 -11.44 -23.68
CA LEU B 23 -6.92 -10.82 -22.74
C LEU B 23 -7.79 -9.78 -23.41
N LEU B 24 -7.18 -9.03 -24.31
CA LEU B 24 -7.87 -7.96 -25.02
C LEU B 24 -8.68 -8.54 -26.18
N ALA B 25 -8.25 -9.69 -26.67
CA ALA B 25 -8.99 -10.38 -27.72
C ALA B 25 -10.14 -11.21 -27.15
N GLU B 26 -9.92 -11.83 -25.99
CA GLU B 26 -10.90 -12.73 -25.39
C GLU B 26 -11.05 -12.53 -23.87
N PRO B 27 -11.65 -11.39 -23.48
CA PRO B 27 -11.88 -11.03 -22.07
C PRO B 27 -12.73 -12.05 -21.35
N VAL B 28 -12.50 -12.22 -20.05
CA VAL B 28 -13.38 -13.02 -19.24
C VAL B 28 -14.72 -12.28 -19.16
N PRO B 29 -15.82 -12.98 -19.43
CA PRO B 29 -17.15 -12.37 -19.25
C PRO B 29 -17.21 -11.67 -17.89
N GLY B 30 -17.65 -10.41 -17.86
CA GLY B 30 -17.80 -9.67 -16.60
C GLY B 30 -16.53 -9.04 -16.09
N ILE B 31 -15.44 -9.13 -16.85
CA ILE B 31 -14.16 -8.60 -16.40
C ILE B 31 -13.48 -7.81 -17.50
N LYS B 32 -13.18 -6.55 -17.24
CA LYS B 32 -12.43 -5.73 -18.15
C LYS B 32 -11.01 -5.68 -17.63
N ALA B 33 -10.02 -5.76 -18.51
CA ALA B 33 -8.63 -5.80 -18.06
C ALA B 33 -7.78 -5.12 -19.07
N GLU B 34 -7.15 -4.02 -18.69
CA GLU B 34 -6.39 -3.21 -19.63
C GLU B 34 -5.01 -2.87 -19.11
N PRO B 35 -3.98 -3.01 -19.93
CA PRO B 35 -2.64 -2.66 -19.45
C PRO B 35 -2.47 -1.15 -19.15
N ASP B 36 -1.62 -0.82 -18.19
CA ASP B 36 -1.29 0.55 -17.78
C ASP B 36 -0.51 1.32 -18.85
N GLU B 37 -0.68 2.64 -18.87
CA GLU B 37 -0.09 3.47 -19.93
C GLU B 37 1.41 3.65 -19.82
N SER B 38 2.00 3.26 -18.69
CA SER B 38 3.44 3.39 -18.53
C SER B 38 4.15 2.11 -18.19
N ASN B 39 3.42 1.08 -17.81
CA ASN B 39 4.05 -0.12 -17.28
C ASN B 39 3.37 -1.33 -17.89
N ALA B 40 4.08 -2.03 -18.77
CA ALA B 40 3.48 -3.13 -19.50
C ALA B 40 3.24 -4.38 -18.68
N ARG B 41 3.66 -4.36 -17.41
CA ARG B 41 3.39 -5.48 -16.53
C ARG B 41 2.26 -5.19 -15.55
N TYR B 42 1.62 -4.02 -15.70
CA TYR B 42 0.63 -3.55 -14.73
C TYR B 42 -0.69 -3.36 -15.45
N PHE B 43 -1.75 -3.91 -14.84
CA PHE B 43 -3.08 -3.90 -15.48
C PHE B 43 -4.13 -3.35 -14.53
N HIS B 44 -5.06 -2.63 -15.14
CA HIS B 44 -6.19 -2.04 -14.45
C HIS B 44 -7.40 -2.87 -14.80
N VAL B 45 -7.96 -3.55 -13.82
CA VAL B 45 -9.04 -4.51 -14.05
C VAL B 45 -10.33 -3.95 -13.41
N VAL B 46 -11.46 -4.21 -14.05
CA VAL B 46 -12.76 -3.92 -13.45
C VAL B 46 -13.54 -5.22 -13.45
N ILE B 47 -13.96 -5.67 -12.28
CA ILE B 47 -14.76 -6.89 -12.15
C ILE B 47 -16.19 -6.51 -11.83
N ALA B 48 -17.14 -6.99 -12.63
CA ALA B 48 -18.56 -6.79 -12.34
C ALA B 48 -18.95 -7.67 -11.17
N GLY B 49 -19.80 -7.16 -10.27
CA GLY B 49 -20.29 -7.99 -9.18
C GLY B 49 -21.00 -9.18 -9.83
N PRO B 50 -20.73 -10.39 -9.33
CA PRO B 50 -21.33 -11.54 -10.02
C PRO B 50 -22.84 -11.64 -9.83
N GLN B 51 -23.49 -12.23 -10.83
CA GLN B 51 -24.94 -12.42 -10.79
C GLN B 51 -25.37 -13.11 -9.51
N ASP B 52 -26.42 -12.58 -8.89
CA ASP B 52 -27.04 -13.19 -7.70
C ASP B 52 -26.24 -13.01 -6.40
N SER B 53 -25.19 -12.20 -6.46
CA SER B 53 -24.45 -11.81 -5.24
C SER B 53 -24.93 -10.41 -4.81
N PRO B 54 -24.68 -10.03 -3.55
CA PRO B 54 -25.01 -8.67 -3.10
C PRO B 54 -24.11 -7.64 -3.76
N PHE B 55 -23.14 -8.10 -4.57
CA PHE B 55 -22.28 -7.17 -5.32
C PHE B 55 -22.82 -6.90 -6.73
N GLU B 56 -23.88 -7.63 -7.11
CA GLU B 56 -24.41 -7.53 -8.46
C GLU B 56 -24.83 -6.11 -8.81
N GLY B 57 -24.43 -5.63 -9.97
CA GLY B 57 -24.74 -4.28 -10.41
C GLY B 57 -23.60 -3.34 -10.08
N GLY B 58 -22.70 -3.74 -9.19
CA GLY B 58 -21.54 -2.90 -8.88
C GLY B 58 -20.38 -3.24 -9.78
N THR B 59 -19.41 -2.35 -9.85
CA THR B 59 -18.15 -2.62 -10.55
C THR B 59 -17.01 -2.34 -9.58
N PHE B 60 -16.02 -3.23 -9.58
CA PHE B 60 -14.96 -3.22 -8.59
C PHE B 60 -13.59 -3.14 -9.27
N LYS B 61 -12.82 -2.11 -8.93
CA LYS B 61 -11.48 -1.98 -9.48
C LYS B 61 -10.54 -2.93 -8.78
N LEU B 62 -9.70 -3.56 -9.59
CA LEU B 62 -8.63 -4.43 -9.12
C LEU B 62 -7.38 -4.10 -9.90
N GLU B 63 -6.23 -4.09 -9.26
CA GLU B 63 -5.00 -3.91 -10.01
C GLU B 63 -4.19 -5.20 -9.98
N LEU B 64 -3.49 -5.44 -11.07
CA LEU B 64 -2.73 -6.65 -11.20
C LEU B 64 -1.34 -6.33 -11.73
N PHE B 65 -0.36 -7.01 -11.15
CA PHE B 65 1.05 -6.80 -11.54
C PHE B 65 1.77 -8.11 -11.77
N LEU B 66 2.48 -8.20 -12.90
CA LEU B 66 3.26 -9.39 -13.27
C LEU B 66 4.72 -9.13 -12.89
N PRO B 67 5.15 -9.68 -11.75
CA PRO B 67 6.52 -9.41 -11.29
C PRO B 67 7.61 -9.99 -12.20
N GLU B 68 8.85 -9.54 -11.98
CA GLU B 68 9.98 -9.95 -12.81
C GLU B 68 10.02 -11.45 -13.10
N GLU B 69 9.77 -12.24 -12.06
CA GLU B 69 9.89 -13.68 -12.21
C GLU B 69 8.64 -14.40 -12.74
N TYR B 70 7.59 -13.65 -13.08
CA TYR B 70 6.42 -14.28 -13.67
C TYR B 70 6.83 -15.05 -14.95
N PRO B 71 6.31 -16.28 -15.15
CA PRO B 71 5.28 -16.96 -14.36
C PRO B 71 5.80 -17.90 -13.27
N MET B 72 7.11 -17.90 -13.00
CA MET B 72 7.64 -18.66 -11.87
C MET B 72 6.98 -18.18 -10.59
N ALA B 73 6.90 -16.86 -10.50
CA ALA B 73 6.28 -16.16 -9.39
C ALA B 73 4.85 -15.80 -9.77
N ALA B 74 3.96 -15.75 -8.77
CA ALA B 74 2.57 -15.45 -8.99
C ALA B 74 2.36 -13.98 -9.31
N PRO B 75 1.28 -13.69 -10.03
CA PRO B 75 0.92 -12.28 -10.18
C PRO B 75 0.54 -11.69 -8.83
N LYS B 76 0.60 -10.37 -8.71
CA LYS B 76 0.16 -9.70 -7.48
C LYS B 76 -1.12 -8.96 -7.81
N VAL B 77 -2.10 -9.03 -6.91
CA VAL B 77 -3.39 -8.39 -7.12
C VAL B 77 -3.86 -7.68 -5.86
N ARG B 78 -4.73 -6.70 -6.06
N ARG B 78 -4.67 -6.63 -6.01
CA ARG B 78 -5.38 -6.06 -4.95
CA ARG B 78 -5.27 -5.94 -4.86
C ARG B 78 -6.60 -5.34 -5.45
C ARG B 78 -6.51 -5.19 -5.35
N PHE B 79 -7.65 -5.32 -4.64
CA PHE B 79 -8.82 -4.50 -4.95
C PHE B 79 -8.52 -3.03 -4.63
N MET B 80 -9.10 -2.12 -5.41
N MET B 80 -9.10 -2.13 -5.42
CA MET B 80 -8.95 -0.70 -5.17
CA MET B 80 -8.95 -0.71 -5.21
C MET B 80 -10.30 -0.02 -5.09
C MET B 80 -10.27 -0.03 -4.92
N THR B 81 -11.35 -0.81 -4.86
CA THR B 81 -12.68 -0.31 -4.53
C THR B 81 -13.02 -0.96 -3.21
N LYS B 82 -13.51 -0.14 -2.27
CA LYS B 82 -13.91 -0.66 -0.96
C LYS B 82 -15.04 -1.67 -1.11
N ILE B 83 -14.94 -2.80 -0.41
CA ILE B 83 -15.89 -3.89 -0.57
C ILE B 83 -16.06 -4.59 0.77
N TYR B 84 -17.30 -4.97 1.11
CA TYR B 84 -17.58 -5.63 2.39
C TYR B 84 -17.65 -7.12 2.15
N HIS B 85 -16.59 -7.84 2.55
CA HIS B 85 -16.43 -9.24 2.17
C HIS B 85 -15.43 -9.84 3.16
N PRO B 86 -15.68 -11.05 3.67
CA PRO B 86 -14.79 -11.59 4.72
C PRO B 86 -13.41 -12.00 4.20
N ASN B 87 -13.20 -11.99 2.88
CA ASN B 87 -11.90 -12.38 2.31
C ASN B 87 -11.23 -11.23 1.59
N VAL B 88 -11.75 -10.01 1.69
CA VAL B 88 -11.07 -8.84 1.11
C VAL B 88 -10.96 -7.82 2.23
N ASP B 89 -9.75 -7.39 2.54
CA ASP B 89 -9.59 -6.55 3.74
C ASP B 89 -9.78 -5.04 3.45
N LYS B 90 -9.57 -4.20 4.46
CA LYS B 90 -9.77 -2.76 4.33
C LYS B 90 -8.89 -2.09 3.28
N LEU B 91 -7.77 -2.72 2.97
CA LEU B 91 -6.87 -2.18 1.96
C LEU B 91 -6.98 -2.91 0.62
N GLY B 92 -7.97 -3.80 0.49
CA GLY B 92 -8.19 -4.48 -0.78
C GLY B 92 -7.40 -5.76 -0.96
N ARG B 93 -6.67 -6.17 0.06
CA ARG B 93 -5.86 -7.37 -0.04
C ARG B 93 -6.70 -8.64 0.05
N ILE B 94 -6.23 -9.68 -0.62
CA ILE B 94 -6.84 -11.02 -0.52
C ILE B 94 -5.77 -12.07 -0.28
N CYS B 95 -6.17 -13.25 0.24
CA CYS B 95 -5.28 -14.38 0.46
C CYS B 95 -5.85 -15.54 -0.35
N LEU B 96 -5.50 -15.59 -1.62
CA LEU B 96 -6.08 -16.59 -2.51
C LEU B 96 -5.05 -17.70 -2.69
N ASP B 97 -5.45 -18.92 -2.36
CA ASP B 97 -4.53 -20.04 -2.36
C ASP B 97 -3.66 -20.02 -3.60
N ILE B 98 -4.28 -19.79 -4.75
CA ILE B 98 -3.56 -19.94 -6.02
C ILE B 98 -2.59 -18.79 -6.29
N LEU B 99 -2.59 -17.78 -5.42
CA LEU B 99 -1.61 -16.70 -5.50
C LEU B 99 -0.43 -16.93 -4.56
N LYS B 100 -0.51 -17.98 -3.74
CA LYS B 100 0.62 -18.30 -2.89
C LYS B 100 0.94 -19.80 -2.97
N ASP B 101 0.63 -20.52 -1.91
CA ASP B 101 0.91 -21.94 -1.78
C ASP B 101 0.65 -22.74 -3.06
N LYS B 102 -0.46 -22.44 -3.73
CA LYS B 102 -0.89 -23.23 -4.88
C LYS B 102 -0.58 -22.59 -6.23
N TRP B 103 0.30 -21.60 -6.26
CA TRP B 103 0.68 -21.03 -7.56
C TRP B 103 1.61 -21.96 -8.32
N SER B 104 1.41 -22.02 -9.64
CA SER B 104 2.35 -22.66 -10.54
C SER B 104 2.24 -22.02 -11.93
N PRO B 105 3.35 -22.07 -12.70
CA PRO B 105 3.41 -21.49 -14.05
C PRO B 105 2.34 -22.02 -15.01
N ALA B 106 1.72 -23.15 -14.72
CA ALA B 106 0.65 -23.65 -15.58
C ALA B 106 -0.59 -22.76 -15.48
N LEU B 107 -0.81 -22.21 -14.30
CA LEU B 107 -1.88 -21.26 -14.10
C LEU B 107 -1.58 -19.98 -14.86
N GLN B 108 -2.62 -19.31 -15.30
CA GLN B 108 -2.43 -18.07 -16.02
C GLN B 108 -3.15 -16.92 -15.29
N ILE B 109 -2.96 -15.71 -15.80
CA ILE B 109 -3.64 -14.53 -15.26
C ILE B 109 -5.14 -14.78 -15.24
N ARG B 110 -5.62 -15.41 -16.30
CA ARG B 110 -7.04 -15.61 -16.47
CA ARG B 110 -7.03 -15.63 -16.48
C ARG B 110 -7.60 -16.44 -15.33
N THR B 111 -6.88 -17.50 -14.97
CA THR B 111 -7.29 -18.36 -13.86
C THR B 111 -7.48 -17.52 -12.60
N VAL B 112 -6.58 -16.59 -12.42
CA VAL B 112 -6.61 -15.74 -11.24
C VAL B 112 -7.86 -14.85 -11.26
N LEU B 113 -8.15 -14.21 -12.38
CA LEU B 113 -9.26 -13.29 -12.43
C LEU B 113 -10.62 -13.96 -12.23
N LEU B 114 -10.88 -15.07 -12.92
CA LEU B 114 -12.23 -15.62 -12.74
C LEU B 114 -12.32 -16.27 -11.34
N SER B 115 -11.18 -16.68 -10.79
CA SER B 115 -11.13 -17.16 -9.43
C SER B 115 -11.50 -16.07 -8.38
N ILE B 116 -11.00 -14.85 -8.60
CA ILE B 116 -11.39 -13.71 -7.78
C ILE B 116 -12.87 -13.44 -7.94
N GLN B 117 -13.38 -13.48 -9.17
CA GLN B 117 -14.82 -13.35 -9.36
C GLN B 117 -15.59 -14.44 -8.58
N ALA B 118 -15.08 -15.68 -8.59
CA ALA B 118 -15.70 -16.78 -7.85
C ALA B 118 -15.72 -16.50 -6.34
N LEU B 119 -14.66 -15.88 -5.83
CA LEU B 119 -14.56 -15.51 -4.42
C LEU B 119 -15.67 -14.51 -4.10
N LEU B 120 -15.89 -13.53 -4.99
CA LEU B 120 -17.00 -12.57 -4.77
C LEU B 120 -18.35 -13.30 -4.77
N SER B 121 -18.48 -14.33 -5.62
CA SER B 121 -19.70 -15.09 -5.77
C SER B 121 -19.95 -16.00 -4.54
N ALA B 122 -18.88 -16.46 -3.92
CA ALA B 122 -18.96 -17.39 -2.79
C ALA B 122 -17.97 -16.98 -1.69
N PRO B 123 -18.34 -15.98 -0.90
CA PRO B 123 -17.52 -15.57 0.25
C PRO B 123 -17.26 -16.74 1.19
N ASN B 124 -16.10 -16.74 1.82
CA ASN B 124 -15.73 -17.83 2.71
C ASN B 124 -15.32 -17.33 4.08
N PRO B 125 -16.29 -17.07 4.95
CA PRO B 125 -15.92 -16.51 6.25
C PRO B 125 -15.29 -17.55 7.18
N ASP B 126 -15.28 -18.80 6.69
N ASP B 126 -15.23 -18.82 6.78
CA ASP B 126 -14.70 -19.97 7.38
CA ASP B 126 -14.53 -19.80 7.62
C ASP B 126 -13.16 -20.05 7.20
C ASP B 126 -13.09 -20.04 7.24
N ASP B 127 -12.60 -19.29 6.26
CA ASP B 127 -11.16 -19.34 5.98
C ASP B 127 -10.39 -18.90 7.21
N PRO B 128 -9.30 -19.63 7.56
CA PRO B 128 -8.39 -19.26 8.65
C PRO B 128 -7.95 -17.82 8.61
N LEU B 129 -7.83 -17.27 7.40
CA LEU B 129 -7.29 -15.94 7.27
C LEU B 129 -8.33 -14.89 6.95
N ALA B 130 -9.60 -15.23 7.13
CA ALA B 130 -10.65 -14.23 6.93
C ALA B 130 -10.46 -13.04 7.83
N ASN B 131 -10.91 -11.89 7.34
CA ASN B 131 -10.75 -10.66 8.10
C ASN B 131 -11.84 -10.48 9.17
N ASP B 132 -11.88 -9.34 9.86
CA ASP B 132 -12.78 -9.21 10.99
C ASP B 132 -14.27 -9.17 10.65
N VAL B 133 -14.61 -8.96 9.37
CA VAL B 133 -15.99 -9.05 8.87
C VAL B 133 -16.55 -10.48 8.98
N ALA B 134 -15.68 -11.46 9.12
CA ALA B 134 -16.11 -12.86 9.08
C ALA B 134 -17.10 -13.22 10.16
N GLU B 135 -16.90 -12.68 11.36
CA GLU B 135 -17.81 -13.04 12.46
C GLU B 135 -19.25 -12.68 12.14
N GLN B 136 -19.47 -11.48 11.59
CA GLN B 136 -20.81 -11.06 11.21
C GLN B 136 -21.37 -11.95 10.11
N TRP B 137 -20.51 -12.32 9.16
CA TRP B 137 -20.94 -13.20 8.08
CA TRP B 137 -20.95 -13.22 8.08
C TRP B 137 -21.36 -14.59 8.59
N LYS B 138 -20.64 -15.10 9.60
CA LYS B 138 -20.93 -16.42 10.21
C LYS B 138 -22.23 -16.37 11.00
N THR B 139 -22.38 -15.34 11.83
CA THR B 139 -23.41 -15.35 12.85
C THR B 139 -24.70 -14.60 12.46
N ASN B 140 -24.59 -13.61 11.57
CA ASN B 140 -25.76 -12.92 11.05
C ASN B 140 -25.59 -12.69 9.56
N GLU B 141 -25.58 -13.78 8.82
CA GLU B 141 -25.32 -13.75 7.39
C GLU B 141 -26.27 -12.81 6.64
N ALA B 142 -27.56 -12.79 7.01
CA ALA B 142 -28.52 -11.90 6.35
C ALA B 142 -28.09 -10.42 6.47
N GLN B 143 -27.71 -10.02 7.68
CA GLN B 143 -27.23 -8.65 7.88
C GLN B 143 -25.94 -8.39 7.14
N ALA B 144 -25.02 -9.36 7.12
CA ALA B 144 -23.72 -9.18 6.46
C ALA B 144 -23.97 -8.98 4.96
N ILE B 145 -24.86 -9.78 4.39
CA ILE B 145 -25.19 -9.63 2.96
C ILE B 145 -25.84 -8.29 2.66
N GLU B 146 -26.70 -7.81 3.55
N GLU B 146 -26.72 -7.81 3.55
CA GLU B 146 -27.28 -6.49 3.36
CA GLU B 146 -27.28 -6.47 3.34
C GLU B 146 -26.23 -5.39 3.44
C GLU B 146 -26.22 -5.39 3.42
N THR B 147 -25.27 -5.54 4.35
CA THR B 147 -24.17 -4.57 4.42
C THR B 147 -23.31 -4.61 3.15
N ALA B 148 -23.05 -5.83 2.61
CA ALA B 148 -22.33 -5.95 1.35
C ALA B 148 -23.06 -5.19 0.23
N ARG B 149 -24.40 -5.28 0.20
CA ARG B 149 -25.21 -4.56 -0.79
C ARG B 149 -25.09 -3.04 -0.52
N ALA B 150 -25.15 -2.64 0.75
CA ALA B 150 -25.04 -1.23 1.10
C ALA B 150 -23.71 -0.66 0.62
N TRP B 151 -22.62 -1.36 0.88
CA TRP B 151 -21.30 -0.89 0.40
C TRP B 151 -21.17 -0.91 -1.12
N THR B 152 -21.90 -1.83 -1.78
CA THR B 152 -21.92 -1.81 -3.24
C THR B 152 -22.58 -0.52 -3.71
N ARG B 153 -23.72 -0.17 -3.09
CA ARG B 153 -24.41 1.09 -3.44
C ARG B 153 -23.48 2.28 -3.21
N LEU B 154 -22.75 2.28 -2.09
CA LEU B 154 -21.98 3.45 -1.70
C LEU B 154 -20.71 3.62 -2.51
N TYR B 155 -20.04 2.51 -2.85
CA TYR B 155 -18.68 2.61 -3.37
C TYR B 155 -18.46 2.05 -4.75
N ALA B 156 -19.39 1.23 -5.25
CA ALA B 156 -19.14 0.49 -6.48
C ALA B 156 -20.12 0.83 -7.62
N MET B 157 -20.87 1.94 -7.55
CA MET B 157 -21.85 2.29 -8.62
C MET B 157 -21.43 3.43 -9.55
N ASN B 158 -20.28 4.04 -9.26
CA ASN B 158 -19.72 5.09 -10.12
C ASN B 158 -18.23 4.88 -10.27
#